data_8D5J
#
_entry.id   8D5J
#
_cell.length_a   115.440
_cell.length_b   66.570
_cell.length_c   56.960
_cell.angle_alpha   90.000
_cell.angle_beta   92.010
_cell.angle_gamma   90.000
#
_symmetry.space_group_name_H-M   'C 1 2 1'
#
loop_
_entity.id
_entity.type
_entity.pdbx_description
1 polymer 'MHC class I heavy chain maturation peptide H-2K(D)'
2 polymer Beta-2-microglobulin
3 polymer 'Pre-mRNA-processing factor 19'
4 water water
#
loop_
_entity_poly.entity_id
_entity_poly.type
_entity_poly.pdbx_seq_one_letter_code
_entity_poly.pdbx_strand_id
1 'polypeptide(L)'
;MGPHSLRYFVTAVSRPGLGEPRFIAVGYVDDTQFVRFDSDADNPRFEPRAPWMEQEGPEYWEEQTQRAKSDEQWFRVSLR
TAQRYYNQSKGGSHTFQRMFGCDVGSDWRLLRGYQQFAYDGRDYIALNEDLKTWTAADTAALITRRKWEQAGDAEYYRAY
LEGECVEWLRRYLELGNETLLRTDSPKAHVTYHPRSQVDVTLRCWALGFYPADITLTWQLNGEDLTQDMELVETRPAGDG
TFQKWAAVVVPLGKEQNYTCHVHHKGLPEPLTLRWE
;
A
2 'polypeptide(L)'
;MIQKTPQIQVYSRHPPENGKPNILNCYVTQFHPPHIEIQMLKNGKKIPKVEMSDMSFSKDWSFYILAHTEFTPTETDTYA
CRVKHDSMAEPKTVYWDRDM
;
B
3 'polypeptide(L)' KYLQVASHV C
#
# COMPACT_ATOMS: atom_id res chain seq x y z
N MET A 1 -5.11 -23.04 10.25
CA MET A 1 -4.45 -21.84 10.81
C MET A 1 -4.74 -20.64 9.91
N GLY A 2 -4.85 -20.88 8.60
CA GLY A 2 -5.21 -19.83 7.66
C GLY A 2 -4.08 -18.80 7.51
N PRO A 3 -3.87 -18.24 6.28
CA PRO A 3 -2.60 -17.65 5.89
C PRO A 3 -2.33 -16.26 6.47
N HIS A 4 -1.03 -15.98 6.72
CA HIS A 4 -0.60 -14.67 7.24
C HIS A 4 0.76 -14.28 6.68
N SER A 5 1.07 -12.98 6.78
CA SER A 5 2.35 -12.46 6.30
C SER A 5 2.87 -11.37 7.24
N LEU A 6 4.21 -11.30 7.36
CA LEU A 6 4.89 -10.17 7.94
C LEU A 6 5.69 -9.51 6.81
N ARG A 7 5.55 -8.18 6.60
CA ARG A 7 6.32 -7.57 5.54
C ARG A 7 6.85 -6.21 5.99
N TYR A 8 8.10 -5.89 5.59
CA TYR A 8 8.65 -4.55 5.77
C TYR A 8 8.84 -3.88 4.41
N PHE A 9 8.48 -2.59 4.34
CA PHE A 9 8.71 -1.83 3.13
C PHE A 9 9.62 -0.68 3.50
N VAL A 10 10.79 -0.60 2.87
CA VAL A 10 11.79 0.37 3.29
C VAL A 10 12.19 1.26 2.12
N THR A 11 12.27 2.58 2.35
CA THR A 11 12.57 3.51 1.25
C THR A 11 13.62 4.49 1.73
N ALA A 12 14.64 4.73 0.89
CA ALA A 12 15.46 5.92 1.09
C ALA A 12 15.42 6.75 -0.18
N VAL A 13 15.41 8.07 -0.03
CA VAL A 13 15.40 8.99 -1.15
C VAL A 13 16.44 10.09 -0.89
N SER A 14 17.34 10.30 -1.85
CA SER A 14 18.44 11.26 -1.74
C SER A 14 17.92 12.65 -2.03
N ARG A 15 18.54 13.65 -1.39
CA ARG A 15 18.16 15.03 -1.60
C ARG A 15 19.43 15.86 -1.67
N PRO A 16 20.22 15.74 -2.76
CA PRO A 16 21.62 16.19 -2.74
C PRO A 16 21.61 17.72 -2.54
N GLY A 17 22.55 18.22 -1.73
CA GLY A 17 22.63 19.63 -1.39
C GLY A 17 21.69 20.03 -0.25
N LEU A 18 20.81 19.12 0.18
CA LEU A 18 19.78 19.46 1.14
C LEU A 18 19.73 18.46 2.30
N GLY A 19 20.84 17.74 2.51
CA GLY A 19 20.91 16.88 3.66
C GLY A 19 21.04 15.40 3.26
N GLU A 20 21.08 14.55 4.29
CA GLU A 20 21.12 13.09 4.17
C GLU A 20 19.84 12.58 3.53
N PRO A 21 19.86 11.40 2.87
CA PRO A 21 18.63 10.83 2.31
C PRO A 21 17.56 10.71 3.40
N ARG A 22 16.30 10.88 3.04
CA ARG A 22 15.23 10.58 3.98
C ARG A 22 15.00 9.06 3.94
N PHE A 23 14.91 8.39 5.09
CA PHE A 23 14.78 6.95 5.18
C PHE A 23 13.56 6.63 6.03
N ILE A 24 12.65 5.77 5.52
CA ILE A 24 11.47 5.34 6.26
C ILE A 24 11.31 3.84 6.07
N ALA A 25 11.04 3.10 7.17
CA ALA A 25 10.67 1.69 7.11
C ALA A 25 9.28 1.54 7.76
N VAL A 26 8.38 0.77 7.13
CA VAL A 26 7.10 0.50 7.74
C VAL A 26 6.89 -1.01 7.77
N GLY A 27 6.29 -1.52 8.85
CA GLY A 27 6.03 -2.94 8.94
C GLY A 27 4.53 -3.25 8.95
N TYR A 28 4.13 -4.31 8.23
CA TYR A 28 2.75 -4.77 8.21
C TYR A 28 2.63 -6.23 8.65
N VAL A 29 1.50 -6.51 9.31
CA VAL A 29 1.07 -7.88 9.50
C VAL A 29 -0.21 -8.04 8.68
N ASP A 30 -0.20 -8.92 7.68
CA ASP A 30 -1.31 -8.96 6.74
C ASP A 30 -1.53 -7.55 6.19
N ASP A 31 -2.74 -7.00 6.35
CA ASP A 31 -3.03 -5.68 5.80
C ASP A 31 -2.94 -4.59 6.87
N THR A 32 -2.32 -4.88 8.02
CA THR A 32 -2.39 -3.93 9.12
C THR A 32 -1.00 -3.41 9.41
N GLN A 33 -0.79 -2.09 9.31
CA GLN A 33 0.50 -1.52 9.71
C GLN A 33 0.67 -1.59 11.22
N PHE A 34 1.90 -1.88 11.69
CA PHE A 34 2.10 -2.09 13.12
C PHE A 34 3.33 -1.36 13.68
N VAL A 35 4.32 -0.98 12.84
CA VAL A 35 5.54 -0.32 13.28
C VAL A 35 6.01 0.63 12.17
N ARG A 36 6.75 1.67 12.55
CA ARG A 36 7.47 2.50 11.59
C ARG A 36 8.78 3.00 12.19
N PHE A 37 9.68 3.44 11.30
CA PHE A 37 10.89 4.17 11.66
C PHE A 37 11.01 5.27 10.61
N ASP A 38 11.09 6.53 11.03
CA ASP A 38 11.19 7.62 10.08
C ASP A 38 12.38 8.48 10.47
N SER A 39 13.35 8.64 9.56
CA SER A 39 14.57 9.37 9.88
C SER A 39 14.27 10.86 10.06
N ASP A 40 13.08 11.32 9.66
CA ASP A 40 12.76 12.73 9.86
C ASP A 40 12.07 12.95 11.21
N ALA A 41 12.88 12.91 12.26
CA ALA A 41 12.47 13.27 13.62
C ALA A 41 13.77 13.69 14.31
N ASP A 42 13.66 14.50 15.37
CA ASP A 42 14.84 15.00 16.07
C ASP A 42 15.61 13.78 16.56
N ASN A 43 14.85 12.86 17.17
CA ASN A 43 15.42 11.67 17.78
C ASN A 43 14.71 10.44 17.20
N PRO A 44 15.02 10.02 15.94
CA PRO A 44 14.30 8.92 15.30
C PRO A 44 14.42 7.59 16.08
N ARG A 45 13.27 6.95 16.30
CA ARG A 45 13.16 5.68 17.01
C ARG A 45 12.24 4.78 16.22
N PHE A 46 12.43 3.45 16.29
CA PHE A 46 11.40 2.51 15.86
C PHE A 46 10.23 2.69 16.81
N GLU A 47 9.01 2.78 16.26
CA GLU A 47 7.80 3.19 16.97
C GLU A 47 6.61 2.28 16.66
N PRO A 48 5.73 2.08 17.65
CA PRO A 48 4.47 1.33 17.43
C PRO A 48 3.50 2.14 16.57
N ARG A 49 2.76 1.46 15.69
CA ARG A 49 1.73 2.16 14.92
C ARG A 49 0.41 1.41 15.05
N ALA A 50 0.39 0.35 15.87
CA ALA A 50 -0.86 -0.33 16.17
C ALA A 50 -1.01 -0.43 17.67
N PRO A 51 -2.23 -0.23 18.24
CA PRO A 51 -2.45 -0.33 19.68
C PRO A 51 -1.80 -1.54 20.34
N TRP A 52 -1.90 -2.71 19.71
CA TRP A 52 -1.44 -3.95 20.33
C TRP A 52 0.09 -4.03 20.45
N MET A 53 0.84 -3.09 19.86
CA MET A 53 2.30 -3.12 19.90
C MET A 53 2.85 -2.32 21.08
N GLU A 54 1.97 -1.52 21.71
CA GLU A 54 2.39 -0.51 22.66
C GLU A 54 2.94 -1.14 23.93
N GLN A 55 2.57 -2.38 24.23
CA GLN A 55 3.07 -2.97 25.45
C GLN A 55 4.34 -3.80 25.23
N GLU A 56 4.99 -3.68 24.06
CA GLU A 56 6.32 -4.26 23.91
C GLU A 56 7.33 -3.45 24.73
N GLY A 57 8.20 -4.13 25.45
CA GLY A 57 9.04 -3.39 26.37
C GLY A 57 10.16 -2.63 25.66
N PRO A 58 10.95 -1.82 26.40
CA PRO A 58 11.99 -0.98 25.80
C PRO A 58 13.09 -1.71 25.04
N GLU A 59 13.37 -2.97 25.39
CA GLU A 59 14.45 -3.69 24.72
C GLU A 59 14.08 -4.01 23.26
N TYR A 60 12.79 -4.28 23.00
CA TYR A 60 12.28 -4.42 21.65
C TYR A 60 12.59 -3.17 20.84
N TRP A 61 12.17 -1.97 21.31
CA TRP A 61 12.31 -0.72 20.57
C TRP A 61 13.78 -0.35 20.39
N GLU A 62 14.61 -0.67 21.40
CA GLU A 62 16.05 -0.42 21.32
C GLU A 62 16.69 -1.26 20.23
N GLU A 63 16.43 -2.57 20.24
CA GLU A 63 17.05 -3.48 19.28
C GLU A 63 16.66 -3.11 17.84
N GLN A 64 15.36 -2.84 17.62
CA GLN A 64 14.84 -2.57 16.30
C GLN A 64 15.38 -1.23 15.81
N THR A 65 15.53 -0.26 16.71
CA THR A 65 16.05 1.04 16.33
C THR A 65 17.51 0.88 15.91
N GLN A 66 18.28 0.07 16.65
CA GLN A 66 19.64 -0.20 16.20
C GLN A 66 19.70 -0.82 14.81
N ARG A 67 18.81 -1.75 14.50
CA ARG A 67 18.87 -2.41 13.19
C ARG A 67 18.49 -1.43 12.07
N ALA A 68 17.51 -0.58 12.34
CA ALA A 68 17.03 0.40 11.36
C ALA A 68 18.10 1.46 11.08
N LYS A 69 18.79 1.90 12.14
CA LYS A 69 19.90 2.83 11.99
C LYS A 69 21.04 2.24 11.16
N SER A 70 21.39 0.96 11.38
CA SER A 70 22.37 0.34 10.48
C SER A 70 21.90 0.37 9.05
N ASP A 71 20.62 0.00 8.81
CA ASP A 71 20.08 0.05 7.46
C ASP A 71 20.15 1.44 6.86
N GLU A 72 19.92 2.45 7.70
CA GLU A 72 19.95 3.80 7.16
C GLU A 72 21.31 4.09 6.54
N GLN A 73 22.41 3.64 7.19
CA GLN A 73 23.73 3.88 6.65
C GLN A 73 23.94 3.04 5.38
N TRP A 74 23.42 1.82 5.36
CA TRP A 74 23.50 0.95 4.18
C TRP A 74 22.83 1.63 2.98
N PHE A 75 21.66 2.23 3.21
CA PHE A 75 20.97 2.87 2.10
C PHE A 75 21.77 4.06 1.55
N ARG A 76 22.43 4.86 2.40
CA ARG A 76 23.22 5.99 1.93
C ARG A 76 24.32 5.55 1.00
N VAL A 77 25.03 4.48 1.38
CA VAL A 77 26.08 3.89 0.57
C VAL A 77 25.57 3.36 -0.77
N SER A 78 24.50 2.55 -0.73
CA SER A 78 23.89 1.97 -1.90
C SER A 78 23.44 3.02 -2.91
N LEU A 79 22.84 4.12 -2.45
CA LEU A 79 22.47 5.20 -3.37
C LEU A 79 23.70 5.70 -4.10
N ARG A 80 24.83 5.83 -3.37
CA ARG A 80 26.02 6.36 -4.00
C ARG A 80 26.56 5.34 -4.99
N THR A 81 26.56 4.05 -4.59
CA THR A 81 27.16 3.04 -5.45
C THR A 81 26.35 2.88 -6.75
N ALA A 82 25.02 2.76 -6.63
CA ALA A 82 24.16 2.51 -7.78
C ALA A 82 24.34 3.65 -8.80
N GLN A 83 24.48 4.88 -8.31
CA GLN A 83 24.65 6.02 -9.20
C GLN A 83 25.95 5.89 -10.00
N ARG A 84 26.97 5.35 -9.36
CA ARG A 84 28.24 5.10 -10.04
C ARG A 84 28.10 3.96 -11.04
N TYR A 85 27.53 2.82 -10.62
CA TYR A 85 27.31 1.67 -11.51
C TYR A 85 26.51 2.03 -12.76
N TYR A 86 25.52 2.91 -12.63
CA TYR A 86 24.70 3.17 -13.79
C TYR A 86 25.18 4.40 -14.56
N ASN A 87 26.35 4.95 -14.20
CA ASN A 87 26.91 6.11 -14.88
C ASN A 87 25.91 7.27 -14.98
N GLN A 88 25.14 7.55 -13.93
CA GLN A 88 24.16 8.64 -13.96
C GLN A 88 24.84 9.97 -13.64
N SER A 89 24.29 11.07 -14.20
CA SER A 89 24.68 12.42 -13.83
C SER A 89 24.57 12.57 -12.31
N LYS A 90 25.55 13.25 -11.69
CA LYS A 90 25.51 13.54 -10.27
C LYS A 90 24.46 14.64 -10.04
N GLY A 91 24.11 14.85 -8.76
CA GLY A 91 22.97 15.69 -8.42
C GLY A 91 21.72 14.88 -8.74
N GLY A 92 20.53 15.43 -8.56
CA GLY A 92 19.38 14.58 -8.81
C GLY A 92 19.08 13.61 -7.66
N SER A 93 17.79 13.51 -7.34
CA SER A 93 17.26 12.63 -6.32
C SER A 93 17.06 11.24 -6.91
N HIS A 94 17.46 10.19 -6.16
CA HIS A 94 17.25 8.80 -6.52
C HIS A 94 16.67 8.06 -5.31
N THR A 95 16.09 6.88 -5.55
CA THR A 95 15.43 6.10 -4.51
C THR A 95 16.04 4.72 -4.48
N PHE A 96 16.11 4.11 -3.30
CA PHE A 96 16.44 2.70 -3.14
C PHE A 96 15.36 2.17 -2.22
N GLN A 97 14.84 0.99 -2.58
CA GLN A 97 13.77 0.38 -1.82
C GLN A 97 14.11 -1.07 -1.52
N ARG A 98 13.49 -1.53 -0.43
CA ARG A 98 13.65 -2.93 -0.07
C ARG A 98 12.29 -3.41 0.41
N MET A 99 11.96 -4.66 0.10
CA MET A 99 10.73 -5.25 0.62
C MET A 99 11.12 -6.66 1.08
N PHE A 100 10.75 -7.02 2.31
CA PHE A 100 11.19 -8.32 2.79
C PHE A 100 10.20 -8.83 3.82
N GLY A 101 10.27 -10.12 4.13
CA GLY A 101 9.27 -10.69 5.00
C GLY A 101 8.92 -12.14 4.67
N CYS A 102 7.91 -12.66 5.37
CA CYS A 102 7.59 -14.08 5.32
C CYS A 102 6.08 -14.26 5.27
N ASP A 103 5.63 -15.28 4.50
CA ASP A 103 4.25 -15.77 4.52
C ASP A 103 4.21 -17.16 5.16
N VAL A 104 3.16 -17.46 5.93
CA VAL A 104 2.91 -18.81 6.43
C VAL A 104 1.52 -19.24 5.96
N GLY A 105 1.37 -20.55 5.78
CA GLY A 105 0.08 -21.11 5.37
C GLY A 105 -0.72 -21.56 6.59
N SER A 106 -0.83 -22.89 6.75
CA SER A 106 -1.65 -23.44 7.82
C SER A 106 -0.77 -24.09 8.89
N ASP A 107 0.55 -23.88 8.83
CA ASP A 107 1.45 -24.21 9.93
C ASP A 107 2.56 -23.15 10.02
N TRP A 108 3.43 -23.28 11.04
CA TRP A 108 4.51 -22.34 11.30
C TRP A 108 5.76 -22.68 10.48
N ARG A 109 5.53 -23.40 9.36
CA ARG A 109 6.55 -23.58 8.35
C ARG A 109 6.43 -22.50 7.27
N LEU A 110 7.57 -21.85 7.03
CA LEU A 110 7.63 -20.76 6.08
C LEU A 110 7.10 -21.23 4.74
N LEU A 111 6.07 -20.56 4.23
CA LEU A 111 5.49 -20.88 2.94
C LEU A 111 6.27 -20.14 1.84
N ARG A 112 6.55 -18.84 2.07
CA ARG A 112 7.43 -18.11 1.17
C ARG A 112 8.17 -16.98 1.90
N GLY A 113 9.47 -16.84 1.61
CA GLY A 113 10.26 -15.72 2.10
C GLY A 113 10.64 -14.74 0.98
N TYR A 114 10.84 -13.47 1.31
CA TYR A 114 11.15 -12.42 0.33
C TYR A 114 12.28 -11.53 0.85
N GLN A 115 13.14 -11.11 -0.09
CA GLN A 115 14.21 -10.19 0.15
C GLN A 115 14.51 -9.54 -1.19
N GLN A 116 13.80 -8.46 -1.51
CA GLN A 116 13.86 -7.90 -2.85
C GLN A 116 14.27 -6.44 -2.72
N PHE A 117 14.97 -5.93 -3.76
CA PHE A 117 15.48 -4.57 -3.77
C PHE A 117 15.19 -3.90 -5.10
N ALA A 118 15.06 -2.56 -5.07
CA ALA A 118 14.75 -1.78 -6.26
C ALA A 118 15.51 -0.46 -6.20
N TYR A 119 15.98 -0.04 -7.38
CA TYR A 119 16.67 1.23 -7.51
C TYR A 119 15.87 2.11 -8.47
N ASP A 120 15.57 3.32 -8.05
CA ASP A 120 14.77 4.23 -8.86
C ASP A 120 13.45 3.58 -9.30
N GLY A 121 12.82 2.80 -8.43
CA GLY A 121 11.48 2.30 -8.75
C GLY A 121 11.44 1.01 -9.59
N ARG A 122 12.61 0.47 -9.93
CA ARG A 122 12.68 -0.70 -10.80
C ARG A 122 13.54 -1.76 -10.12
N ASP A 123 13.21 -3.03 -10.40
CA ASP A 123 13.88 -4.18 -9.82
C ASP A 123 15.40 -4.03 -9.92
N TYR A 124 16.12 -4.42 -8.85
CA TYR A 124 17.58 -4.35 -8.86
C TYR A 124 18.10 -5.75 -8.62
N ILE A 125 17.74 -6.33 -7.46
CA ILE A 125 18.14 -7.70 -7.15
C ILE A 125 17.06 -8.28 -6.22
N ALA A 126 16.84 -9.60 -6.33
CA ALA A 126 15.89 -10.24 -5.45
C ALA A 126 16.35 -11.66 -5.12
N LEU A 127 16.02 -12.13 -3.91
CA LEU A 127 16.36 -13.50 -3.54
C LEU A 127 15.32 -14.43 -4.16
N ASN A 128 15.74 -15.48 -4.87
CA ASN A 128 14.73 -16.38 -5.46
C ASN A 128 14.01 -17.19 -4.39
N GLU A 129 12.90 -17.81 -4.81
CA GLU A 129 12.01 -18.57 -3.97
C GLU A 129 12.75 -19.71 -3.25
N ASP A 130 13.80 -20.24 -3.89
CA ASP A 130 14.66 -21.29 -3.31
C ASP A 130 15.41 -20.79 -2.07
N LEU A 131 15.43 -19.45 -1.86
CA LEU A 131 16.21 -18.81 -0.80
C LEU A 131 17.67 -19.23 -0.86
N LYS A 132 18.19 -19.49 -2.07
CA LYS A 132 19.57 -19.90 -2.26
C LYS A 132 20.24 -19.07 -3.35
N THR A 133 19.46 -18.57 -4.31
CA THR A 133 20.09 -17.88 -5.43
C THR A 133 19.41 -16.53 -5.64
N TRP A 134 20.06 -15.68 -6.44
CA TRP A 134 19.67 -14.28 -6.64
C TRP A 134 19.29 -14.06 -8.10
N THR A 135 18.25 -13.26 -8.38
CA THR A 135 17.96 -12.72 -9.70
C THR A 135 18.42 -11.28 -9.74
N ALA A 136 19.42 -10.99 -10.59
CA ALA A 136 19.91 -9.65 -10.85
C ALA A 136 19.11 -9.06 -12.01
N ALA A 137 18.66 -7.81 -11.90
CA ALA A 137 17.75 -7.31 -12.92
C ALA A 137 18.53 -6.84 -14.16
N ASP A 138 19.84 -6.57 -14.02
CA ASP A 138 20.64 -6.02 -15.10
C ASP A 138 22.11 -6.27 -14.81
N THR A 139 23.00 -5.66 -15.62
CA THR A 139 24.41 -6.01 -15.55
C THR A 139 25.06 -5.27 -14.40
N ALA A 140 24.48 -4.12 -13.99
CA ALA A 140 24.88 -3.44 -12.77
C ALA A 140 24.57 -4.29 -11.53
N ALA A 141 23.37 -4.87 -11.50
CA ALA A 141 23.02 -5.64 -10.32
C ALA A 141 23.79 -6.97 -10.29
N LEU A 142 24.40 -7.34 -11.41
CA LEU A 142 25.18 -8.56 -11.53
C LEU A 142 26.46 -8.45 -10.68
N ILE A 143 27.02 -7.23 -10.60
CA ILE A 143 28.18 -6.95 -9.77
C ILE A 143 27.84 -7.26 -8.30
N THR A 144 26.68 -6.74 -7.88
CA THR A 144 26.19 -6.94 -6.53
C THR A 144 25.99 -8.44 -6.25
N ARG A 145 25.33 -9.11 -7.20
CA ARG A 145 25.07 -10.54 -7.07
C ARG A 145 26.37 -11.32 -6.84
N ARG A 146 27.46 -10.97 -7.53
CA ARG A 146 28.69 -11.76 -7.34
C ARG A 146 29.28 -11.50 -5.97
N LYS A 147 29.17 -10.25 -5.50
CA LYS A 147 29.56 -9.89 -4.15
C LYS A 147 28.79 -10.71 -3.11
N TRP A 148 27.46 -10.85 -3.29
CA TRP A 148 26.61 -11.47 -2.30
C TRP A 148 26.72 -13.00 -2.36
N GLU A 149 27.03 -13.54 -3.53
CA GLU A 149 27.36 -14.96 -3.61
C GLU A 149 28.64 -15.27 -2.85
N GLN A 150 29.69 -14.46 -3.05
CA GLN A 150 30.96 -14.70 -2.38
C GLN A 150 30.86 -14.54 -0.86
N ALA A 151 29.95 -13.67 -0.38
CA ALA A 151 29.72 -13.49 1.04
C ALA A 151 28.85 -14.61 1.61
N GLY A 152 28.12 -15.38 0.79
CA GLY A 152 27.20 -16.36 1.34
C GLY A 152 25.93 -15.71 1.93
N ASP A 153 25.51 -14.53 1.45
CA ASP A 153 24.40 -13.82 2.10
C ASP A 153 23.06 -14.55 2.05
N ALA A 154 22.77 -15.35 1.01
CA ALA A 154 21.51 -16.09 0.92
C ALA A 154 21.24 -16.90 2.19
N GLU A 155 22.30 -17.48 2.78
CA GLU A 155 22.21 -18.28 3.99
C GLU A 155 21.76 -17.40 5.17
N TYR A 156 22.28 -16.17 5.24
CA TYR A 156 21.92 -15.20 6.29
C TYR A 156 20.43 -14.91 6.21
N TYR A 157 19.95 -14.63 5.00
CA TYR A 157 18.55 -14.26 4.83
C TYR A 157 17.64 -15.47 5.03
N ARG A 158 18.04 -16.63 4.50
CA ARG A 158 17.32 -17.88 4.71
C ARG A 158 17.11 -18.12 6.22
N ALA A 159 18.15 -17.94 7.04
CA ALA A 159 18.05 -18.21 8.47
C ALA A 159 17.00 -17.32 9.14
N TYR A 160 17.04 -16.01 8.82
CA TYR A 160 16.04 -15.05 9.30
C TYR A 160 14.64 -15.47 8.83
N LEU A 161 14.48 -15.75 7.52
CA LEU A 161 13.13 -15.96 6.96
C LEU A 161 12.45 -17.19 7.58
N GLU A 162 13.22 -18.27 7.74
CA GLU A 162 12.74 -19.53 8.31
C GLU A 162 12.63 -19.49 9.84
N GLY A 163 13.43 -18.64 10.50
CA GLY A 163 13.48 -18.62 11.95
C GLY A 163 12.80 -17.39 12.52
N GLU A 164 13.55 -16.32 12.69
CA GLU A 164 13.14 -15.20 13.52
C GLU A 164 11.93 -14.51 12.87
N CYS A 165 11.89 -14.47 11.53
CA CYS A 165 10.77 -13.84 10.85
C CYS A 165 9.45 -14.52 11.24
N VAL A 166 9.41 -15.85 11.16
CA VAL A 166 8.19 -16.60 11.44
C VAL A 166 7.88 -16.59 12.94
N GLU A 167 8.92 -16.69 13.79
CA GLU A 167 8.73 -16.61 15.24
C GLU A 167 7.99 -15.32 15.60
N TRP A 168 8.42 -14.19 15.02
CA TRP A 168 7.89 -12.91 15.47
C TRP A 168 6.51 -12.64 14.88
N LEU A 169 6.28 -13.16 13.66
CA LEU A 169 4.95 -13.11 13.06
C LEU A 169 3.97 -13.82 13.98
N ARG A 170 4.43 -14.95 14.53
CA ARG A 170 3.60 -15.71 15.43
C ARG A 170 3.28 -14.87 16.68
N ARG A 171 4.28 -14.14 17.22
CA ARG A 171 4.08 -13.32 18.40
C ARG A 171 3.16 -12.13 18.11
N TYR A 172 3.34 -11.51 16.93
CA TYR A 172 2.49 -10.38 16.58
C TYR A 172 1.02 -10.81 16.47
N LEU A 173 0.78 -11.94 15.83
CA LEU A 173 -0.60 -12.43 15.71
C LEU A 173 -1.21 -12.69 17.08
N GLU A 174 -0.40 -13.14 18.06
CA GLU A 174 -0.90 -13.28 19.42
C GLU A 174 -1.18 -11.93 20.09
N LEU A 175 -0.26 -10.97 19.99
CA LEU A 175 -0.49 -9.66 20.58
C LEU A 175 -1.76 -8.99 20.02
N GLY A 176 -1.95 -9.07 18.70
CA GLY A 176 -3.11 -8.44 18.07
C GLY A 176 -4.17 -9.47 17.67
N ASN A 177 -4.26 -10.60 18.39
CA ASN A 177 -5.15 -11.69 17.99
C ASN A 177 -6.56 -11.16 17.75
N GLU A 178 -7.01 -10.24 18.61
CA GLU A 178 -8.33 -9.67 18.55
C GLU A 178 -8.62 -9.07 17.16
N THR A 179 -7.72 -8.23 16.64
CA THR A 179 -8.04 -7.42 15.47
C THR A 179 -7.55 -8.09 14.20
N LEU A 180 -6.29 -8.54 14.19
CA LEU A 180 -5.80 -9.44 13.16
C LEU A 180 -6.68 -10.68 13.31
N LEU A 181 -6.77 -11.54 12.30
CA LEU A 181 -7.53 -12.78 12.58
C LEU A 181 -9.04 -12.63 12.36
N ARG A 182 -9.59 -11.42 12.51
CA ARG A 182 -10.99 -11.22 12.20
C ARG A 182 -11.21 -11.23 10.69
N THR A 183 -12.47 -11.49 10.32
CA THR A 183 -12.93 -11.41 8.95
C THR A 183 -14.18 -10.54 8.98
N ASP A 184 -14.16 -9.39 8.32
CA ASP A 184 -15.35 -8.57 8.21
C ASP A 184 -15.85 -8.70 6.79
N SER A 185 -17.02 -9.29 6.63
CA SER A 185 -17.53 -9.55 5.28
C SER A 185 -18.10 -8.28 4.67
N PRO A 186 -18.08 -8.17 3.33
CA PRO A 186 -18.51 -6.95 2.66
C PRO A 186 -20.02 -6.80 2.78
N LYS A 187 -20.45 -5.58 2.99
CA LYS A 187 -21.85 -5.19 2.84
C LYS A 187 -21.97 -4.66 1.42
N ALA A 188 -22.83 -5.26 0.61
CA ALA A 188 -22.88 -4.85 -0.80
C ALA A 188 -24.21 -4.17 -1.12
N HIS A 189 -24.20 -3.28 -2.13
CA HIS A 189 -25.43 -2.71 -2.68
C HIS A 189 -25.18 -2.22 -4.11
N VAL A 190 -26.27 -1.93 -4.84
CA VAL A 190 -26.13 -1.40 -6.18
C VAL A 190 -26.74 -0.01 -6.14
N THR A 191 -26.11 0.98 -6.79
CA THR A 191 -26.75 2.26 -7.01
C THR A 191 -27.02 2.46 -8.51
N TYR A 192 -27.99 3.30 -8.80
CA TYR A 192 -28.51 3.46 -10.13
C TYR A 192 -28.35 4.92 -10.50
N HIS A 193 -27.74 5.21 -11.65
CA HIS A 193 -27.41 6.59 -11.99
C HIS A 193 -27.75 6.85 -13.45
N PRO A 194 -28.77 7.71 -13.71
CA PRO A 194 -29.11 8.11 -15.07
C PRO A 194 -27.85 8.59 -15.75
N ARG A 195 -27.71 8.31 -17.04
CA ARG A 195 -26.56 8.72 -17.81
C ARG A 195 -27.04 9.54 -19.00
N SER A 196 -27.76 8.90 -19.92
CA SER A 196 -28.34 9.58 -21.07
C SER A 196 -29.80 9.18 -21.23
N GLN A 197 -30.35 9.44 -22.42
CA GLN A 197 -31.73 9.11 -22.78
C GLN A 197 -31.82 7.62 -23.14
N VAL A 198 -30.66 6.94 -23.21
CA VAL A 198 -30.49 5.64 -23.84
C VAL A 198 -29.95 4.63 -22.83
N ASP A 199 -29.21 5.11 -21.81
CA ASP A 199 -28.56 4.19 -20.89
C ASP A 199 -28.45 4.80 -19.49
N VAL A 200 -27.96 3.98 -18.54
CA VAL A 200 -27.76 4.34 -17.15
C VAL A 200 -26.52 3.61 -16.66
N THR A 201 -25.89 4.13 -15.60
CA THR A 201 -24.78 3.45 -14.95
C THR A 201 -25.30 2.70 -13.73
N LEU A 202 -24.95 1.42 -13.63
CA LEU A 202 -25.20 0.65 -12.40
C LEU A 202 -23.86 0.47 -11.70
N ARG A 203 -23.85 0.73 -10.39
CA ARG A 203 -22.60 0.68 -9.67
C ARG A 203 -22.79 -0.27 -8.48
N CYS A 204 -21.88 -1.22 -8.36
CA CYS A 204 -21.99 -2.24 -7.33
C CYS A 204 -20.91 -2.04 -6.29
N TRP A 205 -21.31 -1.84 -5.04
CA TRP A 205 -20.43 -1.44 -3.97
C TRP A 205 -20.18 -2.63 -3.03
N ALA A 206 -18.94 -2.79 -2.54
CA ALA A 206 -18.59 -3.62 -1.39
C ALA A 206 -17.91 -2.75 -0.33
N LEU A 207 -18.51 -2.66 0.86
CA LEU A 207 -18.07 -1.76 1.93
C LEU A 207 -17.73 -2.55 3.19
N GLY A 208 -16.82 -1.99 4.00
CA GLY A 208 -16.45 -2.47 5.33
C GLY A 208 -15.88 -3.89 5.40
N PHE A 209 -15.12 -4.34 4.39
CA PHE A 209 -14.61 -5.71 4.44
C PHE A 209 -13.16 -5.75 4.91
N TYR A 210 -12.75 -6.89 5.49
CA TYR A 210 -11.36 -7.19 5.86
C TYR A 210 -11.18 -8.71 5.75
N PRO A 211 -10.12 -9.28 5.14
CA PRO A 211 -8.98 -8.53 4.60
C PRO A 211 -9.32 -7.91 3.25
N ALA A 212 -8.32 -7.21 2.66
CA ALA A 212 -8.51 -6.36 1.50
C ALA A 212 -8.86 -7.18 0.26
N ASP A 213 -8.42 -8.44 0.23
CA ASP A 213 -8.58 -9.20 -0.99
C ASP A 213 -10.08 -9.49 -1.23
N ILE A 214 -10.55 -9.30 -2.48
CA ILE A 214 -11.95 -9.42 -2.84
C ILE A 214 -12.06 -9.57 -4.36
N THR A 215 -13.14 -10.20 -4.84
CA THR A 215 -13.45 -10.23 -6.26
C THR A 215 -14.85 -9.68 -6.45
N LEU A 216 -14.97 -8.69 -7.35
CA LEU A 216 -16.18 -7.91 -7.58
C LEU A 216 -16.30 -7.77 -9.09
N THR A 217 -17.36 -8.32 -9.70
CA THR A 217 -17.56 -8.25 -11.14
C THR A 217 -19.04 -8.17 -11.49
N TRP A 218 -19.33 -7.67 -12.69
CA TRP A 218 -20.68 -7.72 -13.23
C TRP A 218 -20.77 -8.85 -14.23
N GLN A 219 -21.99 -9.35 -14.43
CA GLN A 219 -22.26 -10.34 -15.47
C GLN A 219 -23.50 -9.94 -16.26
N LEU A 220 -23.50 -10.34 -17.52
CA LEU A 220 -24.68 -10.22 -18.34
C LEU A 220 -25.05 -11.67 -18.65
N ASN A 221 -26.03 -12.18 -17.91
CA ASN A 221 -26.59 -13.51 -18.12
C ASN A 221 -25.50 -14.57 -18.00
N GLY A 222 -25.00 -14.76 -16.79
CA GLY A 222 -24.09 -15.85 -16.48
C GLY A 222 -22.70 -15.73 -17.11
N GLU A 223 -22.51 -14.75 -18.01
CA GLU A 223 -21.24 -14.60 -18.69
C GLU A 223 -20.56 -13.30 -18.25
N ASP A 224 -19.23 -13.32 -18.11
CA ASP A 224 -18.50 -12.10 -17.84
C ASP A 224 -18.64 -11.18 -19.06
N LEU A 225 -18.44 -9.87 -18.85
CA LEU A 225 -18.91 -8.82 -19.75
C LEU A 225 -18.17 -8.82 -21.10
N THR A 226 -18.90 -8.39 -22.15
CA THR A 226 -18.35 -8.16 -23.48
C THR A 226 -18.09 -6.67 -23.68
N GLN A 227 -18.09 -5.90 -22.59
CA GLN A 227 -18.04 -4.43 -22.64
C GLN A 227 -17.08 -3.91 -21.56
N ASP A 228 -16.93 -2.58 -21.50
CA ASP A 228 -16.08 -1.97 -20.49
C ASP A 228 -16.79 -2.04 -19.13
N MET A 229 -15.99 -2.29 -18.09
CA MET A 229 -16.49 -2.22 -16.74
C MET A 229 -15.47 -1.37 -16.00
N GLU A 230 -15.94 -0.34 -15.29
CA GLU A 230 -15.02 0.40 -14.46
C GLU A 230 -14.85 -0.32 -13.13
N LEU A 231 -13.62 -0.66 -12.78
CA LEU A 231 -13.36 -1.32 -11.50
C LEU A 231 -12.30 -0.52 -10.77
N VAL A 232 -12.66 0.20 -9.69
CA VAL A 232 -11.67 1.00 -8.97
C VAL A 232 -10.74 0.13 -8.13
N GLU A 233 -9.53 0.63 -7.86
CA GLU A 233 -8.60 0.03 -6.91
C GLU A 233 -9.24 -0.11 -5.53
N THR A 234 -9.01 -1.26 -4.87
CA THR A 234 -9.46 -1.47 -3.50
C THR A 234 -8.89 -0.38 -2.63
N ARG A 235 -9.73 0.20 -1.75
CA ARG A 235 -9.30 1.41 -1.07
C ARG A 235 -9.62 1.34 0.40
N PRO A 236 -8.74 1.93 1.26
CA PRO A 236 -8.93 1.91 2.71
C PRO A 236 -10.02 2.88 3.14
N ALA A 237 -10.86 2.47 4.11
CA ALA A 237 -11.89 3.34 4.65
C ALA A 237 -11.27 4.23 5.72
N GLY A 238 -10.11 3.81 6.25
CA GLY A 238 -9.45 4.57 7.31
C GLY A 238 -9.57 3.91 8.68
N ASP A 239 -10.59 3.06 8.84
CA ASP A 239 -10.95 2.45 10.12
C ASP A 239 -10.52 0.98 10.18
N GLY A 240 -9.65 0.52 9.27
CA GLY A 240 -9.14 -0.84 9.22
C GLY A 240 -9.92 -1.78 8.28
N THR A 241 -10.94 -1.26 7.60
CA THR A 241 -11.65 -2.04 6.58
C THR A 241 -11.46 -1.38 5.21
N PHE A 242 -12.02 -2.03 4.17
CA PHE A 242 -11.73 -1.68 2.79
C PHE A 242 -13.02 -1.47 2.03
N GLN A 243 -12.91 -0.87 0.84
CA GLN A 243 -14.03 -0.51 0.00
C GLN A 243 -13.65 -0.80 -1.44
N LYS A 244 -14.65 -1.09 -2.30
CA LYS A 244 -14.42 -1.25 -3.73
C LYS A 244 -15.74 -1.11 -4.45
N TRP A 245 -15.73 -0.62 -5.69
CA TRP A 245 -16.90 -0.60 -6.55
C TRP A 245 -16.57 -0.94 -7.99
N ALA A 246 -17.61 -1.37 -8.74
CA ALA A 246 -17.55 -1.73 -10.16
C ALA A 246 -18.81 -1.18 -10.84
N ALA A 247 -18.62 -0.47 -11.96
CA ALA A 247 -19.74 0.17 -12.65
C ALA A 247 -19.79 -0.29 -14.10
N VAL A 248 -21.04 -0.44 -14.60
CA VAL A 248 -21.32 -0.80 -15.98
C VAL A 248 -22.31 0.24 -16.49
N VAL A 249 -22.20 0.57 -17.79
CA VAL A 249 -23.23 1.36 -18.44
C VAL A 249 -24.16 0.37 -19.14
N VAL A 250 -25.47 0.49 -18.88
CA VAL A 250 -26.40 -0.50 -19.41
C VAL A 250 -27.55 0.26 -20.06
N PRO A 251 -28.20 -0.34 -21.09
CA PRO A 251 -29.35 0.28 -21.75
C PRO A 251 -30.57 0.26 -20.83
N LEU A 252 -31.36 1.34 -20.87
CA LEU A 252 -32.60 1.47 -20.12
C LEU A 252 -33.48 0.29 -20.46
N GLY A 253 -34.17 -0.24 -19.45
CA GLY A 253 -35.09 -1.33 -19.68
C GLY A 253 -34.40 -2.70 -19.64
N LYS A 254 -33.06 -2.73 -19.58
CA LYS A 254 -32.39 -4.01 -19.50
C LYS A 254 -31.62 -4.15 -18.19
N GLU A 255 -31.93 -3.33 -17.17
CA GLU A 255 -31.17 -3.31 -15.93
C GLU A 255 -31.22 -4.67 -15.22
N GLN A 256 -32.35 -5.38 -15.32
CA GLN A 256 -32.55 -6.63 -14.59
C GLN A 256 -31.62 -7.72 -15.11
N ASN A 257 -30.99 -7.51 -16.28
CA ASN A 257 -30.26 -8.58 -16.95
C ASN A 257 -28.88 -8.73 -16.33
N TYR A 258 -28.44 -7.70 -15.60
CA TYR A 258 -27.07 -7.63 -15.13
C TYR A 258 -26.99 -8.03 -13.66
N THR A 259 -25.98 -8.81 -13.30
CA THR A 259 -25.84 -9.22 -11.92
C THR A 259 -24.46 -8.83 -11.38
N CYS A 260 -24.45 -8.36 -10.15
CA CYS A 260 -23.18 -8.11 -9.48
C CYS A 260 -22.80 -9.31 -8.60
N HIS A 261 -21.52 -9.67 -8.63
CA HIS A 261 -21.04 -10.85 -7.90
C HIS A 261 -19.87 -10.45 -7.00
N VAL A 262 -19.94 -10.91 -5.74
CA VAL A 262 -18.96 -10.53 -4.75
C VAL A 262 -18.46 -11.81 -4.09
N HIS A 263 -17.14 -12.05 -4.21
CA HIS A 263 -16.46 -13.15 -3.52
C HIS A 263 -15.51 -12.58 -2.46
N HIS A 264 -15.57 -13.12 -1.24
CA HIS A 264 -14.68 -12.71 -0.15
C HIS A 264 -14.60 -13.85 0.87
N LYS A 265 -13.41 -14.00 1.48
CA LYS A 265 -13.15 -14.99 2.51
C LYS A 265 -14.25 -14.98 3.59
N GLY A 266 -14.83 -13.83 3.87
CA GLY A 266 -15.77 -13.67 4.98
C GLY A 266 -17.23 -13.94 4.60
N LEU A 267 -17.47 -14.44 3.39
CA LEU A 267 -18.83 -14.70 2.91
C LEU A 267 -19.07 -16.20 2.82
N PRO A 268 -20.10 -16.74 3.53
CA PRO A 268 -20.41 -18.17 3.46
C PRO A 268 -20.58 -18.62 2.00
N GLU A 269 -21.42 -17.91 1.24
CA GLU A 269 -21.64 -18.14 -0.18
C GLU A 269 -21.40 -16.81 -0.91
N PRO A 270 -20.87 -16.80 -2.17
CA PRO A 270 -20.76 -15.58 -2.97
C PRO A 270 -22.07 -14.79 -3.04
N LEU A 271 -22.01 -13.45 -3.11
CA LEU A 271 -23.21 -12.64 -3.21
C LEU A 271 -23.56 -12.40 -4.67
N THR A 272 -24.86 -12.40 -4.98
CA THR A 272 -25.34 -12.01 -6.29
C THR A 272 -26.38 -10.94 -6.05
N LEU A 273 -26.17 -9.75 -6.63
CA LEU A 273 -27.05 -8.62 -6.48
C LEU A 273 -27.60 -8.24 -7.85
N ARG A 274 -28.84 -7.76 -7.85
CA ARG A 274 -29.49 -7.36 -9.08
C ARG A 274 -30.28 -6.10 -8.76
N TRP A 275 -30.24 -5.09 -9.64
CA TRP A 275 -31.03 -3.88 -9.44
C TRP A 275 -32.53 -4.20 -9.38
N MET B 1 14.91 6.04 -14.60
CA MET B 1 13.76 6.32 -13.69
C MET B 1 12.57 6.74 -14.55
N ILE B 2 11.52 5.92 -14.49
CA ILE B 2 10.29 6.17 -15.20
C ILE B 2 9.27 6.76 -14.24
N GLN B 3 8.75 7.96 -14.51
CA GLN B 3 7.81 8.56 -13.57
C GLN B 3 6.46 7.84 -13.73
N LYS B 4 5.74 7.63 -12.60
CA LYS B 4 4.38 7.10 -12.64
C LYS B 4 3.43 8.17 -12.09
N THR B 5 2.36 8.49 -12.83
CA THR B 5 1.43 9.54 -12.47
C THR B 5 0.48 9.04 -11.38
N PRO B 6 0.26 9.79 -10.28
CA PRO B 6 -0.60 9.35 -9.18
C PRO B 6 -2.05 9.11 -9.61
N GLN B 7 -2.67 8.05 -9.07
CA GLN B 7 -4.06 7.75 -9.32
C GLN B 7 -4.80 8.17 -8.06
N ILE B 8 -5.90 8.92 -8.20
CA ILE B 8 -6.46 9.61 -7.04
C ILE B 8 -7.90 9.15 -6.84
N GLN B 9 -8.29 8.76 -5.63
CA GLN B 9 -9.70 8.59 -5.30
C GLN B 9 -10.04 9.41 -4.08
N VAL B 10 -11.17 10.13 -4.15
CA VAL B 10 -11.67 10.96 -3.07
C VAL B 10 -13.04 10.39 -2.71
N TYR B 11 -13.26 10.12 -1.43
CA TYR B 11 -14.40 9.29 -1.05
C TYR B 11 -14.56 9.36 0.46
N SER B 12 -15.77 9.03 0.95
CA SER B 12 -15.99 9.15 2.37
C SER B 12 -15.80 7.78 3.03
N ARG B 13 -15.47 7.81 4.32
CA ARG B 13 -15.34 6.57 5.07
C ARG B 13 -16.68 5.84 5.15
N HIS B 14 -17.77 6.58 5.44
CA HIS B 14 -19.10 6.00 5.57
C HIS B 14 -19.98 6.55 4.46
N PRO B 15 -21.07 5.83 4.03
CA PRO B 15 -22.00 6.35 3.04
C PRO B 15 -22.46 7.74 3.49
N PRO B 16 -22.39 8.76 2.61
CA PRO B 16 -22.55 10.14 3.07
C PRO B 16 -24.01 10.38 3.45
N GLU B 17 -24.26 11.11 4.56
CA GLU B 17 -25.59 11.64 4.86
C GLU B 17 -25.49 13.10 5.25
N ASN B 18 -26.26 13.94 4.55
CA ASN B 18 -26.19 15.39 4.74
C ASN B 18 -26.31 15.74 6.22
N GLY B 19 -25.41 16.57 6.71
CA GLY B 19 -25.46 17.04 8.08
C GLY B 19 -24.80 16.08 9.07
N LYS B 20 -24.46 14.85 8.64
CA LYS B 20 -23.88 13.90 9.57
C LYS B 20 -22.37 13.87 9.47
N PRO B 21 -21.62 14.09 10.59
CA PRO B 21 -20.15 14.04 10.56
C PRO B 21 -19.59 12.73 9.98
N ASN B 22 -18.51 12.84 9.18
CA ASN B 22 -17.96 11.74 8.40
C ASN B 22 -16.45 12.00 8.21
N ILE B 23 -15.75 11.14 7.47
CA ILE B 23 -14.35 11.40 7.17
C ILE B 23 -14.21 11.33 5.65
N LEU B 24 -13.50 12.33 5.12
CA LEU B 24 -13.21 12.40 3.70
C LEU B 24 -11.79 11.88 3.51
N ASN B 25 -11.64 10.96 2.56
CA ASN B 25 -10.37 10.31 2.29
C ASN B 25 -9.87 10.75 0.91
N CYS B 26 -8.56 10.94 0.79
CA CYS B 26 -7.95 11.11 -0.51
C CYS B 26 -6.83 10.07 -0.62
N TYR B 27 -7.08 9.01 -1.39
CA TYR B 27 -6.17 7.87 -1.52
C TYR B 27 -5.42 8.06 -2.83
N VAL B 28 -4.11 8.28 -2.71
CA VAL B 28 -3.30 8.52 -3.89
C VAL B 28 -2.31 7.37 -4.07
N THR B 29 -2.33 6.74 -5.24
CA THR B 29 -1.54 5.52 -5.41
C THR B 29 -0.81 5.53 -6.73
N GLN B 30 0.08 4.52 -6.86
CA GLN B 30 0.74 4.15 -8.08
C GLN B 30 1.61 5.30 -8.61
N PHE B 31 2.37 5.97 -7.73
CA PHE B 31 3.18 7.07 -8.22
C PHE B 31 4.66 6.84 -7.95
N HIS B 32 5.49 7.57 -8.72
CA HIS B 32 6.94 7.55 -8.57
C HIS B 32 7.48 8.78 -9.31
N PRO B 33 8.41 9.58 -8.76
CA PRO B 33 9.02 9.33 -7.45
C PRO B 33 8.14 9.66 -6.23
N PRO B 34 8.62 9.38 -4.99
CA PRO B 34 7.79 9.49 -3.81
C PRO B 34 7.49 10.92 -3.34
N HIS B 35 8.27 11.93 -3.77
CA HIS B 35 7.90 13.28 -3.35
C HIS B 35 6.53 13.62 -3.94
N ILE B 36 5.59 14.04 -3.08
CA ILE B 36 4.25 14.39 -3.49
C ILE B 36 3.68 15.43 -2.55
N GLU B 37 2.77 16.24 -3.06
CA GLU B 37 2.13 17.28 -2.26
C GLU B 37 0.63 17.07 -2.38
N ILE B 38 -0.05 16.82 -1.24
CA ILE B 38 -1.49 16.53 -1.22
C ILE B 38 -2.19 17.55 -0.34
N GLN B 39 -3.25 18.18 -0.83
CA GLN B 39 -4.01 19.00 0.11
C GLN B 39 -5.50 18.74 -0.15
N MET B 40 -6.32 18.98 0.87
CA MET B 40 -7.75 18.81 0.71
C MET B 40 -8.38 20.19 0.83
N LEU B 41 -9.49 20.42 0.10
CA LEU B 41 -10.11 21.74 0.12
C LEU B 41 -11.63 21.60 0.31
N LYS B 42 -12.20 22.59 1.02
CA LYS B 42 -13.65 22.71 1.12
C LYS B 42 -14.09 24.05 0.50
N ASN B 43 -14.89 23.99 -0.58
CA ASN B 43 -15.36 25.20 -1.24
C ASN B 43 -14.20 26.05 -1.77
N GLY B 44 -13.08 25.38 -2.14
CA GLY B 44 -11.93 26.04 -2.74
C GLY B 44 -10.92 26.55 -1.72
N LYS B 45 -11.10 26.20 -0.45
CA LYS B 45 -10.20 26.68 0.58
C LYS B 45 -9.48 25.50 1.25
N LYS B 46 -8.16 25.63 1.46
CA LYS B 46 -7.41 24.55 2.07
C LYS B 46 -8.00 24.19 3.45
N ILE B 47 -8.19 22.87 3.71
CA ILE B 47 -8.58 22.39 5.04
C ILE B 47 -7.31 22.24 5.87
N PRO B 48 -7.25 22.79 7.11
CA PRO B 48 -5.98 22.87 7.83
C PRO B 48 -5.53 21.59 8.56
N LYS B 49 -6.48 20.77 9.04
CA LYS B 49 -6.06 19.63 9.86
C LYS B 49 -6.22 18.37 9.04
N VAL B 50 -5.17 18.00 8.29
CA VAL B 50 -5.26 16.84 7.41
C VAL B 50 -4.22 15.82 7.82
N GLU B 51 -4.65 14.62 8.19
CA GLU B 51 -3.65 13.65 8.59
C GLU B 51 -3.26 12.83 7.38
N MET B 52 -2.01 12.38 7.36
CA MET B 52 -1.47 11.58 6.29
C MET B 52 -0.91 10.29 6.89
N SER B 53 -1.12 9.16 6.20
CA SER B 53 -0.51 7.89 6.56
C SER B 53 0.99 7.95 6.29
N ASP B 54 1.75 7.01 6.89
CA ASP B 54 3.14 6.88 6.54
C ASP B 54 3.19 6.39 5.10
N MET B 55 4.08 6.92 4.27
CA MET B 55 4.06 6.46 2.90
C MET B 55 4.69 5.07 2.82
N SER B 56 4.12 4.30 1.93
CA SER B 56 4.55 2.93 1.75
C SER B 56 4.44 2.67 0.26
N PHE B 57 4.68 1.42 -0.13
CA PHE B 57 4.63 1.14 -1.54
C PHE B 57 4.04 -0.25 -1.73
N SER B 58 3.63 -0.54 -2.97
CA SER B 58 3.02 -1.82 -3.33
C SER B 58 4.09 -2.78 -3.83
N LYS B 59 3.67 -4.04 -4.04
CA LYS B 59 4.45 -5.12 -4.63
C LYS B 59 5.18 -4.65 -5.88
N ASP B 60 4.57 -3.78 -6.69
CA ASP B 60 5.21 -3.31 -7.92
C ASP B 60 6.14 -2.11 -7.69
N TRP B 61 6.41 -1.75 -6.42
CA TRP B 61 7.33 -0.68 -6.01
C TRP B 61 6.71 0.72 -5.99
N SER B 62 5.54 0.89 -6.59
CA SER B 62 4.93 2.21 -6.64
C SER B 62 4.37 2.64 -5.27
N PHE B 63 4.43 3.95 -5.03
CA PHE B 63 4.15 4.52 -3.73
C PHE B 63 2.66 4.79 -3.58
N TYR B 64 2.17 4.71 -2.34
CA TYR B 64 0.81 5.14 -2.05
C TYR B 64 0.74 5.83 -0.70
N ILE B 65 -0.32 6.65 -0.52
CA ILE B 65 -0.54 7.37 0.71
C ILE B 65 -2.02 7.71 0.84
N LEU B 66 -2.49 7.77 2.08
CA LEU B 66 -3.86 8.09 2.41
C LEU B 66 -3.92 9.40 3.20
N ALA B 67 -4.64 10.37 2.67
CA ALA B 67 -4.88 11.61 3.39
C ALA B 67 -6.34 11.58 3.83
N HIS B 68 -6.65 12.13 5.02
CA HIS B 68 -8.03 12.18 5.45
C HIS B 68 -8.26 13.34 6.41
N THR B 69 -9.49 13.82 6.45
CA THR B 69 -9.86 14.86 7.39
C THR B 69 -11.33 14.64 7.80
N GLU B 70 -11.74 15.21 8.95
CA GLU B 70 -13.15 15.23 9.32
C GLU B 70 -13.91 16.10 8.30
N PHE B 71 -15.16 15.72 7.98
CA PHE B 71 -16.04 16.61 7.21
C PHE B 71 -17.50 16.22 7.48
N THR B 72 -18.38 17.15 7.11
CA THR B 72 -19.83 16.94 7.21
C THR B 72 -20.46 17.29 5.87
N PRO B 73 -20.84 16.29 5.03
CA PRO B 73 -21.38 16.60 3.70
C PRO B 73 -22.65 17.42 3.91
N THR B 74 -22.95 18.31 2.97
CA THR B 74 -24.22 19.02 2.95
C THR B 74 -24.68 19.12 1.49
N GLU B 75 -25.83 19.75 1.27
CA GLU B 75 -26.33 19.83 -0.09
C GLU B 75 -25.47 20.80 -0.90
N THR B 76 -24.80 21.78 -0.26
CA THR B 76 -24.19 22.87 -1.03
C THR B 76 -22.67 22.93 -0.88
N ASP B 77 -22.12 22.30 0.14
CA ASP B 77 -20.68 22.29 0.31
C ASP B 77 -20.05 21.36 -0.73
N THR B 78 -18.84 21.71 -1.17
CA THR B 78 -18.10 20.92 -2.13
C THR B 78 -16.71 20.64 -1.58
N TYR B 79 -16.09 19.54 -2.05
CA TYR B 79 -14.86 19.07 -1.45
C TYR B 79 -13.95 18.53 -2.56
N ALA B 80 -12.64 18.65 -2.35
CA ALA B 80 -11.70 18.21 -3.38
C ALA B 80 -10.36 17.86 -2.76
N CYS B 81 -9.61 17.07 -3.53
CA CYS B 81 -8.24 16.74 -3.22
C CYS B 81 -7.36 17.29 -4.34
N ARG B 82 -6.32 18.06 -3.98
CA ARG B 82 -5.42 18.60 -4.98
C ARG B 82 -4.02 18.01 -4.80
N VAL B 83 -3.48 17.45 -5.88
CA VAL B 83 -2.22 16.71 -5.81
C VAL B 83 -1.21 17.34 -6.76
N LYS B 84 0.00 17.63 -6.28
CA LYS B 84 1.08 18.04 -7.16
C LYS B 84 2.16 16.97 -7.17
N HIS B 85 2.66 16.67 -8.38
CA HIS B 85 3.63 15.61 -8.57
C HIS B 85 4.41 15.86 -9.86
N ASP B 86 5.69 15.48 -9.85
CA ASP B 86 6.63 15.78 -10.93
C ASP B 86 6.20 15.14 -12.25
N SER B 87 5.46 14.02 -12.19
CA SER B 87 4.90 13.41 -13.39
C SER B 87 3.91 14.32 -14.10
N MET B 88 3.37 15.33 -13.42
CA MET B 88 2.24 16.04 -13.98
C MET B 88 2.64 17.49 -14.28
N ALA B 89 2.28 17.94 -15.48
CA ALA B 89 2.66 19.26 -15.95
C ALA B 89 1.87 20.38 -15.26
N GLU B 90 1.00 20.05 -14.28
CA GLU B 90 0.39 21.00 -13.36
C GLU B 90 -0.43 20.25 -12.28
N PRO B 91 -0.89 20.92 -11.20
CA PRO B 91 -1.64 20.25 -10.13
C PRO B 91 -2.94 19.59 -10.63
N LYS B 92 -3.29 18.42 -10.06
CA LYS B 92 -4.52 17.72 -10.41
C LYS B 92 -5.50 17.82 -9.24
N THR B 93 -6.72 18.27 -9.54
CA THR B 93 -7.75 18.42 -8.53
C THR B 93 -8.86 17.43 -8.83
N VAL B 94 -9.24 16.66 -7.81
CA VAL B 94 -10.36 15.75 -7.98
C VAL B 94 -11.41 16.14 -6.96
N TYR B 95 -12.65 16.35 -7.45
CA TYR B 95 -13.76 16.77 -6.60
C TYR B 95 -14.43 15.53 -6.02
N TRP B 96 -14.80 15.60 -4.76
CA TRP B 96 -15.63 14.56 -4.17
C TRP B 96 -16.99 14.48 -4.85
N ASP B 97 -17.37 13.24 -5.21
CA ASP B 97 -18.66 12.95 -5.77
C ASP B 97 -19.27 11.86 -4.88
N ARG B 98 -20.40 12.16 -4.25
CA ARG B 98 -21.04 11.21 -3.34
C ARG B 98 -21.49 9.92 -4.06
N ASP B 99 -21.56 9.92 -5.41
CA ASP B 99 -21.87 8.70 -6.13
C ASP B 99 -20.67 7.79 -6.35
N MET B 100 -19.47 8.17 -5.86
CA MET B 100 -18.25 7.42 -6.17
C MET B 100 -17.31 7.32 -4.95
N LYS C 1 9.86 -8.75 13.09
CA LYS C 1 11.18 -8.19 13.50
C LYS C 1 11.97 -7.81 12.24
N TYR C 2 12.59 -6.62 12.29
CA TYR C 2 13.34 -6.06 11.18
C TYR C 2 14.74 -6.68 11.11
N LEU C 3 15.23 -6.95 9.89
CA LEU C 3 16.57 -7.49 9.66
C LEU C 3 17.33 -6.52 8.76
N GLN C 4 18.52 -6.11 9.17
CA GLN C 4 19.35 -5.20 8.35
C GLN C 4 20.00 -5.99 7.20
N VAL C 5 20.32 -5.27 6.12
CA VAL C 5 20.97 -5.82 4.94
C VAL C 5 22.38 -6.29 5.34
N ALA C 6 22.77 -7.49 4.90
CA ALA C 6 24.06 -8.05 5.33
C ALA C 6 25.23 -7.30 4.70
N SER C 7 25.24 -7.18 3.37
CA SER C 7 26.41 -6.71 2.64
C SER C 7 26.05 -5.45 1.87
N HIS C 8 27.10 -4.65 1.56
CA HIS C 8 27.01 -3.57 0.59
C HIS C 8 26.81 -4.05 -0.84
N VAL C 9 26.06 -3.24 -1.54
CA VAL C 9 25.83 -3.36 -2.96
C VAL C 9 27.14 -3.22 -3.79
#